data_1QK7
#
_entry.id   1QK7
#
_cell.length_a   1.000
_cell.length_b   1.000
_cell.length_c   1.000
_cell.angle_alpha   90.00
_cell.angle_beta   90.00
_cell.angle_gamma   90.00
#
_symmetry.space_group_name_H-M   'P 1'
#
_entity_poly.entity_id   1
_entity_poly.type   'polypeptide(L)'
_entity_poly.pdbx_seq_one_letter_code
;GCLGDKCDYNNGCCSGYVCSRTWKWCVLAGPW
;
_entity_poly.pdbx_strand_id   A
#
# COMPACT_ATOMS: atom_id res chain seq x y z
N GLY A 1 3.89 -12.01 1.71
CA GLY A 1 5.14 -11.22 1.55
C GLY A 1 5.02 -9.92 2.36
N CYS A 2 4.87 -8.80 1.70
CA CYS A 2 4.74 -7.50 2.44
C CYS A 2 3.27 -7.09 2.57
N LEU A 3 2.37 -7.81 1.95
CA LEU A 3 0.92 -7.44 2.05
C LEU A 3 0.44 -7.61 3.49
N GLY A 4 -0.01 -6.55 4.11
CA GLY A 4 -0.48 -6.63 5.52
C GLY A 4 0.19 -5.54 6.36
N ASP A 5 1.33 -5.05 5.93
CA ASP A 5 2.03 -3.98 6.70
C ASP A 5 1.17 -2.71 6.74
N LYS A 6 1.00 -2.13 7.90
CA LYS A 6 0.16 -0.90 8.00
C LYS A 6 0.98 0.33 7.58
N CYS A 7 0.33 1.33 7.04
CA CYS A 7 1.06 2.56 6.60
C CYS A 7 0.16 3.80 6.71
N ASP A 8 0.74 4.97 6.65
CA ASP A 8 -0.06 6.23 6.74
C ASP A 8 0.39 7.23 5.68
N TYR A 9 1.65 7.60 5.70
CA TYR A 9 2.16 8.59 4.69
C TYR A 9 3.55 8.16 4.19
N ASN A 10 4.51 8.07 5.09
CA ASN A 10 5.88 7.67 4.67
C ASN A 10 6.30 6.38 5.41
N ASN A 11 5.40 5.44 5.53
CA ASN A 11 5.74 4.16 6.23
C ASN A 11 6.86 3.43 5.46
N GLY A 12 6.66 3.19 4.19
CA GLY A 12 7.71 2.49 3.39
C GLY A 12 7.25 1.07 3.06
N CYS A 13 6.35 0.93 2.12
CA CYS A 13 5.88 -0.44 1.74
C CYS A 13 6.92 -1.10 0.82
N CYS A 14 6.77 -2.37 0.54
CA CYS A 14 7.75 -3.06 -0.34
C CYS A 14 7.62 -2.52 -1.77
N SER A 15 8.63 -2.74 -2.60
CA SER A 15 8.57 -2.24 -4.00
C SER A 15 7.35 -2.84 -4.72
N GLY A 16 6.45 -2.00 -5.20
CA GLY A 16 5.24 -2.52 -5.89
C GLY A 16 4.01 -2.38 -4.97
N TYR A 17 4.23 -2.20 -3.68
CA TYR A 17 3.07 -2.07 -2.74
C TYR A 17 2.76 -0.58 -2.50
N VAL A 18 1.51 -0.25 -2.29
CA VAL A 18 1.12 1.17 -2.05
C VAL A 18 0.28 1.28 -0.77
N CYS A 19 0.16 2.47 -0.23
CA CYS A 19 -0.66 2.64 1.02
C CYS A 19 -2.12 2.92 0.66
N SER A 20 -2.99 1.98 0.94
CA SER A 20 -4.44 2.18 0.62
C SER A 20 -5.14 2.96 1.74
N ARG A 21 -6.19 3.67 1.42
CA ARG A 21 -6.92 4.46 2.47
C ARG A 21 -8.04 3.62 3.11
N THR A 22 -8.28 2.42 2.64
CA THR A 22 -9.36 1.57 3.23
C THR A 22 -8.90 0.95 4.56
N TRP A 23 -7.93 0.07 4.51
CA TRP A 23 -7.42 -0.55 5.77
C TRP A 23 -6.06 0.04 6.15
N LYS A 24 -5.62 1.08 5.44
CA LYS A 24 -4.31 1.73 5.75
C LYS A 24 -3.19 0.68 5.80
N TRP A 25 -2.89 0.07 4.69
CA TRP A 25 -1.80 -0.97 4.67
C TRP A 25 -1.15 -1.04 3.28
N CYS A 26 -0.08 -1.79 3.16
CA CYS A 26 0.62 -1.91 1.85
C CYS A 26 -0.12 -2.92 0.96
N VAL A 27 -0.62 -2.48 -0.17
CA VAL A 27 -1.35 -3.41 -1.08
C VAL A 27 -0.69 -3.45 -2.46
N LEU A 28 -0.97 -4.47 -3.21
CA LEU A 28 -0.37 -4.60 -4.57
C LEU A 28 -0.92 -3.51 -5.50
N ALA A 29 -0.04 -2.77 -6.13
CA ALA A 29 -0.51 -1.69 -7.06
C ALA A 29 -1.22 -2.29 -8.28
N GLY A 30 -2.47 -1.98 -8.45
CA GLY A 30 -3.23 -2.54 -9.61
C GLY A 30 -3.60 -1.40 -10.57
N PRO A 31 -2.79 -1.22 -11.58
CA PRO A 31 -3.05 -0.15 -12.59
C PRO A 31 -4.20 -0.56 -13.52
N TRP A 32 -5.42 -0.39 -13.06
CA TRP A 32 -6.62 -0.76 -13.89
C TRP A 32 -6.48 -2.22 -14.42
N GLY A 1 -9.70 6.19 -2.50
CA GLY A 1 -8.23 6.45 -2.37
C GLY A 1 -7.45 5.41 -3.19
N CYS A 2 -6.27 5.06 -2.75
CA CYS A 2 -5.46 4.05 -3.49
C CYS A 2 -5.35 2.73 -2.71
N LEU A 3 -6.16 2.56 -1.68
CA LEU A 3 -6.10 1.29 -0.89
C LEU A 3 -6.53 0.09 -1.74
N GLY A 4 -5.63 -0.81 -1.99
CA GLY A 4 -5.97 -2.01 -2.84
C GLY A 4 -4.90 -2.20 -3.92
N ASP A 5 -4.29 -1.13 -4.37
CA ASP A 5 -3.25 -1.24 -5.44
C ASP A 5 -2.04 -2.02 -4.92
N LYS A 6 -1.27 -2.60 -5.80
CA LYS A 6 -0.06 -3.38 -5.37
C LYS A 6 1.16 -2.47 -5.27
N CYS A 7 2.08 -2.78 -4.39
CA CYS A 7 3.30 -1.94 -4.25
C CYS A 7 4.51 -2.64 -4.88
N ASP A 8 4.30 -3.54 -5.80
CA ASP A 8 5.44 -4.26 -6.43
C ASP A 8 5.50 -3.95 -7.94
N TYR A 9 4.37 -3.99 -8.61
CA TYR A 9 4.35 -3.70 -10.07
C TYR A 9 4.72 -2.24 -10.35
N ASN A 10 3.97 -1.32 -9.79
CA ASN A 10 4.28 0.13 -10.01
C ASN A 10 4.84 0.77 -8.73
N ASN A 11 4.51 0.23 -7.58
CA ASN A 11 5.03 0.81 -6.29
C ASN A 11 4.72 2.31 -6.20
N GLY A 12 3.48 2.68 -6.45
CA GLY A 12 3.08 4.12 -6.40
C GLY A 12 1.69 4.24 -5.77
N CYS A 13 1.63 4.29 -4.47
CA CYS A 13 0.31 4.39 -3.78
C CYS A 13 -0.14 5.86 -3.70
N CYS A 14 -1.17 6.13 -2.94
CA CYS A 14 -1.67 7.54 -2.81
C CYS A 14 -0.77 8.33 -1.86
N SER A 15 -1.02 9.61 -1.72
CA SER A 15 -0.19 10.44 -0.80
C SER A 15 -0.45 10.04 0.66
N GLY A 16 0.55 9.51 1.33
CA GLY A 16 0.37 9.09 2.74
C GLY A 16 0.14 7.57 2.82
N TYR A 17 0.21 6.88 1.70
CA TYR A 17 -0.01 5.39 1.73
C TYR A 17 1.33 4.67 1.70
N VAL A 18 1.45 3.56 2.39
CA VAL A 18 2.74 2.81 2.40
C VAL A 18 2.53 1.36 1.93
N CYS A 19 3.59 0.70 1.55
CA CYS A 19 3.47 -0.70 1.08
C CYS A 19 3.46 -1.66 2.28
N SER A 20 2.36 -2.33 2.51
CA SER A 20 2.27 -3.26 3.67
C SER A 20 3.14 -4.51 3.43
N ARG A 21 3.61 -5.12 4.48
CA ARG A 21 4.46 -6.34 4.32
C ARG A 21 3.59 -7.62 4.31
N THR A 22 2.29 -7.49 4.22
CA THR A 22 1.41 -8.70 4.21
C THR A 22 0.94 -8.99 2.77
N TRP A 23 -0.05 -8.26 2.30
CA TRP A 23 -0.55 -8.50 0.90
C TRP A 23 0.22 -7.64 -0.10
N LYS A 24 1.25 -6.94 0.34
CA LYS A 24 2.05 -6.07 -0.59
C LYS A 24 1.13 -5.10 -1.34
N TRP A 25 0.34 -4.34 -0.61
CA TRP A 25 -0.57 -3.37 -1.27
C TRP A 25 -0.55 -2.02 -0.57
N CYS A 26 -1.22 -1.03 -1.12
CA CYS A 26 -1.22 0.33 -0.50
C CYS A 26 -2.09 0.36 0.76
N VAL A 27 -1.56 0.89 1.84
CA VAL A 27 -2.34 0.97 3.11
C VAL A 27 -2.17 2.35 3.75
N LEU A 28 -3.06 2.71 4.64
CA LEU A 28 -2.94 4.06 5.31
C LEU A 28 -1.80 4.04 6.33
N ALA A 29 -0.98 5.07 6.32
CA ALA A 29 0.15 5.13 7.29
C ALA A 29 -0.35 5.57 8.67
N GLY A 30 -0.03 4.82 9.71
CA GLY A 30 -0.49 5.20 11.07
C GLY A 30 -1.87 4.56 11.34
N PRO A 31 -2.21 4.48 12.61
CA PRO A 31 -3.51 3.89 13.01
C PRO A 31 -4.66 4.82 12.65
N TRP A 32 -5.69 4.31 12.00
CA TRP A 32 -6.85 5.16 11.62
C TRP A 32 -8.17 4.43 11.94
N GLY A 1 -0.03 10.04 -1.33
CA GLY A 1 -0.75 9.94 -2.63
C GLY A 1 -1.09 8.47 -2.92
N CYS A 2 -2.23 8.22 -3.53
CA CYS A 2 -2.65 6.81 -3.85
C CYS A 2 -2.76 5.98 -2.57
N LEU A 3 -3.24 6.56 -1.50
CA LEU A 3 -3.38 5.80 -0.23
C LEU A 3 -4.82 5.27 -0.10
N GLY A 4 -5.00 3.99 -0.27
CA GLY A 4 -6.37 3.41 -0.17
C GLY A 4 -6.54 2.27 -1.19
N ASP A 5 -5.79 2.30 -2.26
CA ASP A 5 -5.90 1.22 -3.29
C ASP A 5 -5.55 -0.13 -2.68
N LYS A 6 -6.40 -1.11 -2.84
CA LYS A 6 -6.12 -2.46 -2.27
C LYS A 6 -5.25 -3.29 -3.22
N CYS A 7 -4.44 -4.17 -2.69
CA CYS A 7 -3.55 -5.01 -3.56
C CYS A 7 -3.44 -6.42 -2.98
N ASP A 8 -3.46 -7.42 -3.84
CA ASP A 8 -3.35 -8.83 -3.35
C ASP A 8 -1.95 -9.39 -3.60
N TYR A 9 -1.30 -9.00 -4.67
CA TYR A 9 0.07 -9.50 -4.97
C TYR A 9 0.84 -8.49 -5.84
N ASN A 10 0.32 -8.19 -7.00
CA ASN A 10 1.01 -7.21 -7.89
C ASN A 10 0.02 -6.17 -8.43
N ASN A 11 -0.80 -5.62 -7.55
CA ASN A 11 -1.79 -4.59 -7.99
C ASN A 11 -1.08 -3.40 -8.65
N GLY A 12 -0.06 -2.87 -7.99
CA GLY A 12 0.68 -1.72 -8.58
C GLY A 12 0.35 -0.43 -7.82
N CYS A 13 0.99 -0.22 -6.69
CA CYS A 13 0.73 1.03 -5.90
C CYS A 13 1.52 2.19 -6.52
N CYS A 14 1.28 3.40 -6.06
CA CYS A 14 2.02 4.57 -6.62
C CYS A 14 3.51 4.48 -6.25
N SER A 15 4.36 5.18 -6.97
CA SER A 15 5.82 5.13 -6.67
C SER A 15 6.09 5.61 -5.23
N GLY A 16 6.68 4.76 -4.42
CA GLY A 16 6.96 5.15 -3.00
C GLY A 16 5.95 4.50 -2.04
N TYR A 17 4.92 3.86 -2.57
CA TYR A 17 3.91 3.21 -1.68
C TYR A 17 4.10 1.69 -1.67
N VAL A 18 3.80 1.06 -0.57
CA VAL A 18 3.95 -0.43 -0.46
C VAL A 18 2.63 -1.07 -0.04
N CYS A 19 2.54 -2.38 -0.09
CA CYS A 19 1.28 -3.08 0.31
C CYS A 19 1.33 -3.49 1.78
N SER A 20 0.37 -3.03 2.57
CA SER A 20 0.36 -3.40 4.03
C SER A 20 -0.41 -4.71 4.25
N ARG A 21 -0.27 -5.30 5.41
CA ARG A 21 -0.99 -6.57 5.72
C ARG A 21 -2.35 -6.30 6.38
N THR A 22 -2.46 -5.22 7.14
CA THR A 22 -3.75 -4.91 7.84
C THR A 22 -4.92 -4.84 6.85
N TRP A 23 -5.00 -3.81 6.05
CA TRP A 23 -6.13 -3.69 5.07
C TRP A 23 -5.67 -4.11 3.66
N LYS A 24 -4.46 -4.59 3.52
CA LYS A 24 -3.96 -5.00 2.17
C LYS A 24 -4.14 -3.86 1.16
N TRP A 25 -3.54 -2.73 1.42
CA TRP A 25 -3.68 -1.57 0.49
C TRP A 25 -2.35 -0.81 0.35
N CYS A 26 -2.30 0.17 -0.52
CA CYS A 26 -1.03 0.94 -0.72
C CYS A 26 -0.80 1.92 0.43
N VAL A 27 0.36 1.86 1.04
CA VAL A 27 0.67 2.77 2.19
C VAL A 27 2.01 3.49 1.92
N LEU A 28 2.24 4.59 2.60
CA LEU A 28 3.53 5.33 2.39
C LEU A 28 4.72 4.50 2.89
N ALA A 29 5.83 4.55 2.21
CA ALA A 29 7.03 3.76 2.64
C ALA A 29 7.55 4.26 4.00
N GLY A 30 7.33 5.52 4.31
CA GLY A 30 7.82 6.07 5.62
C GLY A 30 7.08 5.39 6.78
N PRO A 31 7.58 5.61 7.97
CA PRO A 31 6.96 5.00 9.18
C PRO A 31 5.62 5.69 9.51
N TRP A 32 4.62 4.91 9.84
CA TRP A 32 3.28 5.51 10.16
C TRP A 32 2.70 4.85 11.43
N GLY A 1 3.48 9.76 -6.39
CA GLY A 1 3.29 9.05 -5.09
C GLY A 1 2.84 7.62 -5.34
N CYS A 2 3.18 6.71 -4.45
CA CYS A 2 2.77 5.28 -4.62
C CYS A 2 1.58 4.94 -3.70
N LEU A 3 1.04 5.92 -2.99
CA LEU A 3 -0.11 5.62 -2.09
C LEU A 3 -1.34 5.26 -2.94
N GLY A 4 -1.79 4.04 -2.85
CA GLY A 4 -2.98 3.61 -3.65
C GLY A 4 -2.61 2.40 -4.53
N ASP A 5 -1.34 2.18 -4.75
CA ASP A 5 -0.92 1.01 -5.60
C ASP A 5 -1.50 -0.29 -5.04
N LYS A 6 -2.34 -0.95 -5.77
CA LYS A 6 -2.95 -2.22 -5.27
C LYS A 6 -1.88 -3.31 -5.14
N CYS A 7 -1.95 -4.08 -4.08
CA CYS A 7 -0.94 -5.17 -3.87
C CYS A 7 -1.64 -6.49 -3.58
N ASP A 8 -1.48 -7.46 -4.44
CA ASP A 8 -2.14 -8.79 -4.22
C ASP A 8 -1.52 -9.85 -5.13
N TYR A 9 -1.59 -9.66 -6.43
CA TYR A 9 -1.02 -10.66 -7.37
C TYR A 9 0.51 -10.48 -7.46
N ASN A 10 0.97 -9.25 -7.57
CA ASN A 10 2.44 -9.01 -7.65
C ASN A 10 3.00 -8.67 -6.26
N ASN A 11 2.23 -7.97 -5.45
CA ASN A 11 2.70 -7.60 -4.07
C ASN A 11 4.05 -6.87 -4.13
N GLY A 12 4.06 -5.67 -4.66
CA GLY A 12 5.34 -4.90 -4.75
C GLY A 12 5.05 -3.43 -4.48
N CYS A 13 5.03 -3.04 -3.23
CA CYS A 13 4.76 -1.60 -2.90
C CYS A 13 6.04 -0.76 -3.06
N CYS A 14 5.91 0.54 -3.00
CA CYS A 14 7.11 1.42 -3.15
C CYS A 14 7.90 1.45 -1.83
N SER A 15 9.02 2.14 -1.83
CA SER A 15 9.84 2.21 -0.57
C SER A 15 9.05 2.93 0.53
N GLY A 16 8.97 2.34 1.70
CA GLY A 16 8.22 2.98 2.82
C GLY A 16 6.71 2.75 2.64
N TYR A 17 6.32 1.79 1.82
CA TYR A 17 4.87 1.52 1.61
C TYR A 17 4.58 0.04 1.89
N VAL A 18 3.55 -0.24 2.66
CA VAL A 18 3.22 -1.66 2.99
C VAL A 18 1.84 -2.03 2.45
N CYS A 19 1.67 -3.27 2.05
CA CYS A 19 0.34 -3.71 1.51
C CYS A 19 -0.71 -3.70 2.63
N SER A 20 -1.74 -2.91 2.47
CA SER A 20 -2.80 -2.85 3.53
C SER A 20 -3.68 -4.09 3.48
N ARG A 21 -3.92 -4.69 4.63
CA ARG A 21 -4.81 -5.90 4.65
C ARG A 21 -6.28 -5.46 4.65
N THR A 22 -6.54 -4.19 4.93
CA THR A 22 -7.94 -3.68 4.93
C THR A 22 -8.24 -2.92 3.63
N TRP A 23 -7.35 -2.08 3.19
CA TRP A 23 -7.59 -1.30 1.93
C TRP A 23 -7.03 -2.04 0.70
N LYS A 24 -6.16 -3.01 0.91
CA LYS A 24 -5.57 -3.78 -0.24
C LYS A 24 -4.64 -2.92 -1.11
N TRP A 25 -4.25 -1.74 -0.65
CA TRP A 25 -3.32 -0.90 -1.47
C TRP A 25 -2.08 -0.55 -0.64
N CYS A 26 -1.00 -0.17 -1.30
CA CYS A 26 0.26 0.17 -0.56
C CYS A 26 0.11 1.49 0.21
N VAL A 27 0.03 1.43 1.51
CA VAL A 27 -0.10 2.69 2.31
C VAL A 27 1.23 3.01 3.01
N LEU A 28 1.37 4.20 3.52
CA LEU A 28 2.65 4.57 4.22
C LEU A 28 2.83 3.72 5.48
N ALA A 29 4.06 3.44 5.83
CA ALA A 29 4.33 2.60 7.04
C ALA A 29 4.41 3.48 8.31
N GLY A 30 3.98 4.71 8.23
CA GLY A 30 4.03 5.59 9.44
C GLY A 30 2.78 5.38 10.29
N PRO A 31 2.72 6.08 11.40
CA PRO A 31 1.55 5.96 12.31
C PRO A 31 0.31 6.63 11.69
N TRP A 32 -0.85 6.32 12.19
CA TRP A 32 -2.11 6.91 11.64
C TRP A 32 -2.35 6.45 10.19
N GLY A 1 -1.69 7.15 -10.18
CA GLY A 1 -2.49 6.28 -9.27
C GLY A 1 -1.63 5.12 -8.77
N CYS A 2 -1.14 5.21 -7.56
CA CYS A 2 -0.30 4.11 -7.00
C CYS A 2 -1.14 3.09 -6.23
N LEU A 3 -2.45 3.24 -6.23
CA LEU A 3 -3.32 2.26 -5.50
C LEU A 3 -3.41 0.95 -6.29
N GLY A 4 -3.05 -0.15 -5.67
CA GLY A 4 -3.10 -1.46 -6.38
C GLY A 4 -1.67 -1.95 -6.68
N ASP A 5 -0.68 -1.09 -6.55
CA ASP A 5 0.73 -1.52 -6.83
C ASP A 5 1.21 -2.42 -5.68
N LYS A 6 1.93 -3.46 -6.00
CA LYS A 6 2.43 -4.39 -4.93
C LYS A 6 3.28 -3.63 -3.91
N CYS A 7 3.12 -3.94 -2.64
CA CYS A 7 3.90 -3.24 -1.59
C CYS A 7 4.53 -4.26 -0.63
N ASP A 8 5.71 -3.98 -0.15
CA ASP A 8 6.38 -4.92 0.80
C ASP A 8 6.72 -4.19 2.11
N TYR A 9 7.63 -3.23 2.05
CA TYR A 9 8.00 -2.47 3.29
C TYR A 9 8.61 -1.11 2.91
N ASN A 10 9.68 -1.12 2.15
CA ASN A 10 10.34 0.17 1.74
C ASN A 10 10.04 0.47 0.27
N ASN A 11 8.80 0.32 -0.15
CA ASN A 11 8.44 0.61 -1.57
C ASN A 11 8.36 2.12 -1.81
N GLY A 12 7.70 2.83 -0.92
CA GLY A 12 7.56 4.30 -1.08
C GLY A 12 6.33 4.60 -1.94
N CYS A 13 5.15 4.46 -1.39
CA CYS A 13 3.91 4.75 -2.18
C CYS A 13 3.52 6.23 -2.03
N CYS A 14 2.33 6.58 -2.48
CA CYS A 14 1.89 8.01 -2.36
C CYS A 14 1.78 8.43 -0.90
N SER A 15 1.76 9.71 -0.64
CA SER A 15 1.65 10.19 0.77
C SER A 15 0.29 9.81 1.35
N GLY A 16 0.27 8.97 2.35
CA GLY A 16 -1.02 8.54 2.97
C GLY A 16 -1.40 7.12 2.49
N TYR A 17 -0.46 6.40 1.89
CA TYR A 17 -0.78 5.03 1.42
C TYR A 17 -0.12 4.00 2.34
N VAL A 18 -0.89 3.12 2.93
CA VAL A 18 -0.31 2.09 3.85
C VAL A 18 0.02 0.82 3.06
N CYS A 19 0.81 -0.05 3.63
CA CYS A 19 1.19 -1.32 2.93
C CYS A 19 0.27 -2.45 3.40
N SER A 20 -0.55 -2.97 2.52
CA SER A 20 -1.47 -4.09 2.93
C SER A 20 -0.80 -5.44 2.70
N ARG A 21 -0.47 -6.13 3.76
CA ARG A 21 0.17 -7.48 3.60
C ARG A 21 -0.90 -8.51 3.22
N THR A 22 -2.13 -8.28 3.59
CA THR A 22 -3.24 -9.23 3.25
C THR A 22 -3.48 -9.23 1.74
N TRP A 23 -3.52 -8.08 1.13
CA TRP A 23 -3.75 -8.01 -0.36
C TRP A 23 -2.41 -7.85 -1.11
N LYS A 24 -1.34 -7.56 -0.39
CA LYS A 24 0.00 -7.38 -1.03
C LYS A 24 0.02 -6.17 -1.99
N TRP A 25 -0.71 -5.12 -1.66
CA TRP A 25 -0.70 -3.90 -2.55
C TRP A 25 -0.86 -2.64 -1.70
N CYS A 26 -0.40 -1.51 -2.19
CA CYS A 26 -0.51 -0.24 -1.40
C CYS A 26 -1.95 0.31 -1.44
N VAL A 27 -2.59 0.35 -0.31
CA VAL A 27 -3.99 0.86 -0.25
C VAL A 27 -4.01 2.25 0.40
N LEU A 28 -5.14 2.92 0.35
CA LEU A 28 -5.24 4.28 0.97
C LEU A 28 -5.43 4.15 2.49
N ALA A 29 -4.93 5.09 3.25
CA ALA A 29 -5.09 5.02 4.73
C ALA A 29 -6.46 5.57 5.15
N GLY A 30 -7.44 4.71 5.24
CA GLY A 30 -8.81 5.16 5.64
C GLY A 30 -8.99 4.94 7.14
N PRO A 31 -9.52 3.80 7.50
CA PRO A 31 -9.74 3.47 8.92
C PRO A 31 -8.42 3.15 9.61
N TRP A 32 -7.96 4.02 10.47
CA TRP A 32 -6.66 3.77 11.19
C TRP A 32 -6.79 4.13 12.67
N GLY A 1 2.95 9.56 -6.28
CA GLY A 1 2.62 8.40 -5.40
C GLY A 1 1.58 7.51 -6.09
N CYS A 2 1.71 6.21 -5.96
CA CYS A 2 0.73 5.28 -6.62
C CYS A 2 -0.27 4.74 -5.58
N LEU A 3 -1.02 5.63 -4.96
CA LEU A 3 -2.02 5.17 -3.94
C LEU A 3 -3.26 4.61 -4.65
N GLY A 4 -3.44 3.32 -4.62
CA GLY A 4 -4.62 2.70 -5.29
C GLY A 4 -4.21 1.44 -6.06
N ASP A 5 -2.93 1.27 -6.32
CA ASP A 5 -2.46 0.05 -7.06
C ASP A 5 -2.72 -1.20 -6.22
N LYS A 6 -3.46 -2.14 -6.75
CA LYS A 6 -3.78 -3.39 -5.99
C LYS A 6 -2.49 -4.07 -5.48
N CYS A 7 -2.54 -4.62 -4.30
CA CYS A 7 -1.34 -5.31 -3.72
C CYS A 7 -1.75 -6.63 -3.06
N ASP A 8 -0.91 -7.64 -3.16
CA ASP A 8 -1.24 -8.96 -2.53
C ASP A 8 -0.12 -9.41 -1.60
N TYR A 9 1.04 -9.73 -2.13
CA TYR A 9 2.17 -10.17 -1.26
C TYR A 9 3.51 -9.80 -1.90
N ASN A 10 3.76 -10.28 -3.10
CA ASN A 10 5.05 -9.94 -3.78
C ASN A 10 4.81 -8.90 -4.88
N ASN A 11 4.00 -7.91 -4.60
CA ASN A 11 3.72 -6.85 -5.63
C ASN A 11 4.76 -5.72 -5.52
N GLY A 12 4.98 -5.21 -4.33
CA GLY A 12 5.97 -4.11 -4.16
C GLY A 12 5.29 -2.76 -4.44
N CYS A 13 5.02 -1.99 -3.42
CA CYS A 13 4.37 -0.66 -3.62
C CYS A 13 5.42 0.40 -3.98
N CYS A 14 5.05 1.66 -3.96
CA CYS A 14 6.03 2.74 -4.31
C CYS A 14 6.93 3.06 -3.11
N SER A 15 7.84 3.99 -3.28
CA SER A 15 8.75 4.37 -2.14
C SER A 15 7.96 5.07 -1.04
N GLY A 16 7.98 4.54 0.16
CA GLY A 16 7.21 5.16 1.28
C GLY A 16 5.76 4.67 1.27
N TYR A 17 5.47 3.61 0.53
CA TYR A 17 4.08 3.08 0.49
C TYR A 17 4.02 1.68 1.13
N VAL A 18 2.87 1.27 1.60
CA VAL A 18 2.74 -0.07 2.23
C VAL A 18 1.58 -0.86 1.62
N CYS A 19 1.56 -2.15 1.84
CA CYS A 19 0.47 -3.00 1.27
C CYS A 19 -0.69 -3.09 2.26
N SER A 20 -1.80 -2.47 1.96
CA SER A 20 -2.98 -2.51 2.88
C SER A 20 -3.88 -3.71 2.57
N ARG A 21 -4.07 -4.58 3.51
CA ARG A 21 -4.94 -5.78 3.29
C ARG A 21 -6.42 -5.36 3.36
N THR A 22 -6.74 -4.37 4.15
CA THR A 22 -8.15 -3.90 4.28
C THR A 22 -8.66 -3.41 2.92
N TRP A 23 -7.91 -2.59 2.25
CA TRP A 23 -8.35 -2.07 0.91
C TRP A 23 -7.66 -2.84 -0.22
N LYS A 24 -6.78 -3.75 0.10
CA LYS A 24 -6.06 -4.55 -0.95
C LYS A 24 -5.35 -3.65 -1.97
N TRP A 25 -4.81 -2.52 -1.54
CA TRP A 25 -4.09 -1.63 -2.50
C TRP A 25 -2.91 -0.96 -1.79
N CYS A 26 -1.91 -0.52 -2.53
CA CYS A 26 -0.72 0.13 -1.89
C CYS A 26 -1.07 1.53 -1.36
N VAL A 27 -1.21 1.65 -0.07
CA VAL A 27 -1.55 2.99 0.52
C VAL A 27 -0.26 3.68 0.97
N LEU A 28 -0.31 4.97 1.19
CA LEU A 28 0.91 5.72 1.64
C LEU A 28 1.18 5.46 3.12
N ALA A 29 2.39 5.10 3.46
CA ALA A 29 2.73 4.84 4.90
C ALA A 29 2.92 6.17 5.64
N GLY A 30 1.99 6.53 6.47
CA GLY A 30 2.12 7.82 7.24
C GLY A 30 3.13 7.65 8.37
N PRO A 31 4.04 8.60 8.46
CA PRO A 31 5.08 8.55 9.51
C PRO A 31 4.48 8.86 10.89
N TRP A 32 4.43 7.87 11.75
CA TRP A 32 3.84 8.09 13.11
C TRP A 32 4.76 7.51 14.19
N GLY A 1 -2.17 7.83 -9.10
CA GLY A 1 -3.38 7.41 -8.33
C GLY A 1 -3.42 5.88 -8.24
N CYS A 2 -2.71 5.31 -7.31
CA CYS A 2 -2.71 3.82 -7.15
C CYS A 2 -3.23 3.41 -5.76
N LEU A 3 -4.17 4.14 -5.23
CA LEU A 3 -4.71 3.78 -3.88
C LEU A 3 -5.84 2.75 -4.03
N GLY A 4 -5.79 1.68 -3.27
CA GLY A 4 -6.85 0.64 -3.38
C GLY A 4 -6.33 -0.56 -4.18
N ASP A 5 -5.33 -0.36 -4.99
CA ASP A 5 -4.77 -1.50 -5.80
C ASP A 5 -4.17 -2.56 -4.87
N LYS A 6 -4.60 -3.79 -4.99
CA LYS A 6 -4.06 -4.88 -4.12
C LYS A 6 -2.54 -5.01 -4.30
N CYS A 7 -1.85 -5.47 -3.28
CA CYS A 7 -0.37 -5.63 -3.38
C CYS A 7 -0.02 -6.78 -4.34
N ASP A 8 1.06 -6.65 -5.06
CA ASP A 8 1.45 -7.74 -6.00
C ASP A 8 2.20 -8.85 -5.25
N TYR A 9 3.24 -8.49 -4.55
CA TYR A 9 4.02 -9.50 -3.77
C TYR A 9 4.88 -8.79 -2.72
N ASN A 10 5.74 -7.89 -3.15
CA ASN A 10 6.60 -7.15 -2.19
C ASN A 10 5.97 -5.78 -1.91
N ASN A 11 5.30 -5.20 -2.88
CA ASN A 11 4.65 -3.87 -2.69
C ASN A 11 3.64 -3.63 -3.81
N GLY A 12 4.09 -3.56 -5.04
CA GLY A 12 3.16 -3.32 -6.18
C GLY A 12 2.41 -2.00 -5.98
N CYS A 13 3.09 -0.99 -5.51
CA CYS A 13 2.43 0.34 -5.29
C CYS A 13 3.19 1.45 -6.01
N CYS A 14 2.51 2.54 -6.32
CA CYS A 14 3.18 3.67 -7.02
C CYS A 14 3.93 4.56 -6.01
N SER A 15 4.65 5.54 -6.48
CA SER A 15 5.39 6.44 -5.55
C SER A 15 4.42 7.13 -4.59
N GLY A 16 4.65 6.99 -3.30
CA GLY A 16 3.75 7.62 -2.30
C GLY A 16 2.72 6.60 -1.79
N TYR A 17 2.95 5.33 -2.02
CA TYR A 17 1.99 4.29 -1.55
C TYR A 17 2.74 3.16 -0.85
N VAL A 18 2.16 2.62 0.20
CA VAL A 18 2.83 1.50 0.94
C VAL A 18 1.94 0.24 0.92
N CYS A 19 2.56 -0.91 0.91
CA CYS A 19 1.76 -2.18 0.90
C CYS A 19 1.25 -2.49 2.31
N SER A 20 -0.01 -2.23 2.56
CA SER A 20 -0.56 -2.51 3.92
C SER A 20 -0.72 -4.02 4.14
N ARG A 21 -0.19 -4.53 5.22
CA ARG A 21 -0.31 -6.00 5.50
C ARG A 21 -1.70 -6.31 6.08
N THR A 22 -2.41 -5.30 6.54
CA THR A 22 -3.77 -5.55 7.12
C THR A 22 -4.83 -5.57 6.00
N TRP A 23 -4.79 -4.62 5.10
CA TRP A 23 -5.80 -4.59 4.00
C TRP A 23 -5.19 -5.16 2.69
N LYS A 24 -3.88 -5.28 2.63
CA LYS A 24 -3.20 -5.83 1.41
C LYS A 24 -3.44 -4.93 0.17
N TRP A 25 -3.50 -3.63 0.35
CA TRP A 25 -3.69 -2.72 -0.82
C TRP A 25 -2.74 -1.52 -0.69
N CYS A 26 -2.44 -0.84 -1.78
CA CYS A 26 -1.52 0.32 -1.73
C CYS A 26 -2.17 1.52 -1.02
N VAL A 27 -1.79 1.76 0.21
CA VAL A 27 -2.39 2.90 0.96
C VAL A 27 -1.45 4.11 0.90
N LEU A 28 -1.96 5.29 1.09
CA LEU A 28 -1.09 6.50 1.05
C LEU A 28 -0.11 6.48 2.22
N ALA A 29 1.17 6.66 1.94
CA ALA A 29 2.19 6.65 3.03
C ALA A 29 2.03 7.89 3.92
N GLY A 30 1.42 7.73 5.07
CA GLY A 30 1.22 8.89 5.98
C GLY A 30 2.18 8.76 7.18
N PRO A 31 1.77 9.34 8.29
CA PRO A 31 2.61 9.30 9.51
C PRO A 31 2.61 7.90 10.14
N TRP A 32 1.55 7.15 9.95
CA TRP A 32 1.49 5.76 10.53
C TRP A 32 2.46 4.83 9.79
N GLY A 1 -8.61 4.06 -7.85
CA GLY A 1 -8.90 2.76 -7.16
C GLY A 1 -7.62 1.91 -7.11
N CYS A 2 -6.62 2.36 -6.40
CA CYS A 2 -5.34 1.59 -6.31
C CYS A 2 -5.36 0.61 -5.13
N LEU A 3 -6.35 0.70 -4.27
CA LEU A 3 -6.43 -0.24 -3.10
C LEU A 3 -6.48 -1.69 -3.59
N GLY A 4 -5.51 -2.49 -3.20
CA GLY A 4 -5.50 -3.92 -3.64
C GLY A 4 -4.17 -4.23 -4.34
N ASP A 5 -3.49 -3.22 -4.87
CA ASP A 5 -2.19 -3.46 -5.56
C ASP A 5 -1.15 -3.97 -4.56
N LYS A 6 -0.14 -4.66 -5.03
CA LYS A 6 0.90 -5.20 -4.10
C LYS A 6 2.05 -4.20 -3.93
N CYS A 7 2.66 -4.18 -2.76
CA CYS A 7 3.79 -3.23 -2.52
C CYS A 7 4.87 -3.93 -1.67
N ASP A 8 6.10 -3.49 -1.77
CA ASP A 8 7.19 -4.13 -0.99
C ASP A 8 7.89 -3.10 -0.08
N TYR A 9 8.62 -2.18 -0.67
CA TYR A 9 9.33 -1.15 0.15
C TYR A 9 9.69 0.05 -0.73
N ASN A 10 10.41 -0.18 -1.80
CA ASN A 10 10.79 0.94 -2.71
C ASN A 10 9.97 0.88 -4.01
N ASN A 11 8.90 0.13 -4.03
CA ASN A 11 8.06 0.04 -5.26
C ASN A 11 7.28 1.34 -5.46
N GLY A 12 6.63 1.82 -4.43
CA GLY A 12 5.85 3.09 -4.55
C GLY A 12 4.37 2.78 -4.81
N CYS A 13 3.53 3.03 -3.83
CA CYS A 13 2.06 2.78 -4.02
C CYS A 13 1.42 3.92 -4.82
N CYS A 14 0.11 3.98 -4.84
CA CYS A 14 -0.57 5.08 -5.60
C CYS A 14 -0.41 6.43 -4.88
N SER A 15 -0.80 7.50 -5.53
CA SER A 15 -0.67 8.85 -4.91
C SER A 15 -1.60 8.95 -3.69
N GLY A 16 -1.05 9.09 -2.51
CA GLY A 16 -1.89 9.18 -1.28
C GLY A 16 -2.02 7.78 -0.65
N TYR A 17 -1.73 6.73 -1.39
CA TYR A 17 -1.84 5.35 -0.84
C TYR A 17 -0.52 4.94 -0.18
N VAL A 18 -0.57 4.27 0.94
CA VAL A 18 0.68 3.83 1.62
C VAL A 18 0.90 2.33 1.38
N CYS A 19 2.12 1.86 1.56
CA CYS A 19 2.40 0.41 1.35
C CYS A 19 2.25 -0.35 2.68
N SER A 20 1.30 -1.25 2.74
CA SER A 20 1.10 -2.03 4.00
C SER A 20 2.17 -3.12 4.12
N ARG A 21 3.01 -3.03 5.12
CA ARG A 21 4.06 -4.08 5.31
C ARG A 21 3.45 -5.34 5.95
N THR A 22 2.25 -5.22 6.47
CA THR A 22 1.58 -6.39 7.11
C THR A 22 0.73 -7.15 6.07
N TRP A 23 -0.03 -6.43 5.27
CA TRP A 23 -0.88 -7.10 4.24
C TRP A 23 -0.17 -7.13 2.87
N LYS A 24 0.89 -6.37 2.72
CA LYS A 24 1.65 -6.32 1.42
C LYS A 24 0.82 -5.72 0.27
N TRP A 25 -0.07 -4.80 0.57
CA TRP A 25 -0.89 -4.17 -0.52
C TRP A 25 -1.02 -2.66 -0.25
N CYS A 26 -1.27 -1.87 -1.27
CA CYS A 26 -1.39 -0.39 -1.08
C CYS A 26 -2.71 -0.04 -0.40
N VAL A 27 -2.65 0.40 0.84
CA VAL A 27 -3.90 0.78 1.57
C VAL A 27 -4.03 2.30 1.65
N LEU A 28 -5.22 2.80 1.82
CA LEU A 28 -5.41 4.28 1.91
C LEU A 28 -5.05 4.77 3.32
N ALA A 29 -4.52 5.95 3.43
CA ALA A 29 -4.13 6.50 4.77
C ALA A 29 -5.38 6.92 5.55
N GLY A 30 -5.98 6.02 6.28
CA GLY A 30 -7.20 6.35 7.06
C GLY A 30 -7.34 5.39 8.26
N PRO A 31 -8.43 5.54 8.98
CA PRO A 31 -8.68 4.67 10.17
C PRO A 31 -9.08 3.25 9.76
N TRP A 32 -9.42 3.04 8.52
CA TRP A 32 -9.82 1.66 8.06
C TRP A 32 -8.67 0.67 8.28
N GLY A 1 1.57 8.72 -8.13
CA GLY A 1 1.35 7.82 -6.97
C GLY A 1 0.72 6.50 -7.45
N CYS A 2 1.09 5.41 -6.84
CA CYS A 2 0.52 4.08 -7.25
C CYS A 2 -0.42 3.54 -6.18
N LEU A 3 -1.46 4.29 -5.85
CA LEU A 3 -2.43 3.81 -4.81
C LEU A 3 -3.44 2.85 -5.45
N GLY A 4 -3.67 1.72 -4.82
CA GLY A 4 -4.65 0.74 -5.38
C GLY A 4 -3.93 -0.57 -5.75
N ASP A 5 -2.67 -0.49 -6.11
CA ASP A 5 -1.91 -1.73 -6.47
C ASP A 5 -1.87 -2.69 -5.29
N LYS A 6 -1.99 -3.97 -5.54
CA LYS A 6 -1.96 -4.95 -4.40
C LYS A 6 -0.51 -5.28 -4.02
N CYS A 7 -0.23 -5.34 -2.74
CA CYS A 7 1.17 -5.66 -2.29
C CYS A 7 1.17 -7.00 -1.54
N ASP A 8 1.70 -8.01 -2.15
CA ASP A 8 1.75 -9.37 -1.50
C ASP A 8 2.97 -10.16 -1.98
N TYR A 9 3.19 -10.21 -3.28
CA TYR A 9 4.36 -10.97 -3.82
C TYR A 9 5.66 -10.23 -3.47
N ASN A 10 5.72 -8.95 -3.77
CA ASN A 10 6.94 -8.17 -3.46
C ASN A 10 6.75 -7.33 -2.18
N ASN A 11 5.54 -6.91 -1.90
CA ASN A 11 5.27 -6.09 -0.69
C ASN A 11 6.18 -4.84 -0.67
N GLY A 12 6.20 -4.11 -1.75
CA GLY A 12 7.05 -2.89 -1.83
C GLY A 12 6.42 -1.90 -2.80
N CYS A 13 5.57 -1.03 -2.32
CA CYS A 13 4.91 -0.03 -3.22
C CYS A 13 5.86 1.14 -3.51
N CYS A 14 5.33 2.25 -3.94
CA CYS A 14 6.19 3.44 -4.25
C CYS A 14 6.64 4.11 -2.94
N SER A 15 7.51 5.10 -3.04
CA SER A 15 7.99 5.81 -1.82
C SER A 15 6.81 6.54 -1.14
N GLY A 16 6.57 6.25 0.12
CA GLY A 16 5.43 6.91 0.83
C GLY A 16 4.22 5.98 0.84
N TYR A 17 4.15 5.03 -0.06
CA TYR A 17 2.98 4.09 -0.09
C TYR A 17 3.30 2.84 0.73
N VAL A 18 2.52 2.57 1.74
CA VAL A 18 2.76 1.37 2.59
C VAL A 18 1.79 0.25 2.19
N CYS A 19 2.07 -0.97 2.59
CA CYS A 19 1.18 -2.11 2.24
C CYS A 19 0.13 -2.31 3.34
N SER A 20 -1.11 -1.97 3.05
CA SER A 20 -2.19 -2.15 4.08
C SER A 20 -2.41 -3.63 4.38
N ARG A 21 -2.74 -3.95 5.60
CA ARG A 21 -2.97 -5.39 5.97
C ARG A 21 -4.44 -5.78 5.77
N THR A 22 -5.34 -4.86 5.90
CA THR A 22 -6.80 -5.19 5.74
C THR A 22 -7.16 -5.29 4.25
N TRP A 23 -6.79 -4.31 3.45
CA TRP A 23 -7.13 -4.36 1.99
C TRP A 23 -5.96 -4.93 1.18
N LYS A 24 -4.76 -4.94 1.74
CA LYS A 24 -3.56 -5.47 1.03
C LYS A 24 -3.22 -4.64 -0.23
N TRP A 25 -3.51 -3.35 -0.22
CA TRP A 25 -3.16 -2.50 -1.41
C TRP A 25 -2.22 -1.36 -0.97
N CYS A 26 -1.53 -0.74 -1.92
CA CYS A 26 -0.58 0.36 -1.56
C CYS A 26 -1.35 1.62 -1.13
N VAL A 27 -1.38 1.90 0.15
CA VAL A 27 -2.10 3.11 0.64
C VAL A 27 -1.08 4.18 1.06
N LEU A 28 -1.50 5.42 1.16
CA LEU A 28 -0.56 6.51 1.57
C LEU A 28 -0.12 6.30 3.03
N ALA A 29 1.09 6.72 3.36
CA ALA A 29 1.59 6.55 4.76
C ALA A 29 1.11 7.70 5.65
N GLY A 30 -0.17 7.79 5.89
CA GLY A 30 -0.70 8.89 6.74
C GLY A 30 -0.66 8.45 8.21
N PRO A 31 -1.62 7.64 8.59
CA PRO A 31 -1.69 7.12 9.98
C PRO A 31 -0.64 6.03 10.21
N TRP A 32 -0.70 5.36 11.33
CA TRP A 32 0.31 4.28 11.62
C TRP A 32 -0.06 3.00 10.86
N GLY A 1 -8.82 -7.79 -6.44
CA GLY A 1 -8.10 -6.93 -5.45
C GLY A 1 -6.76 -7.58 -5.09
N CYS A 2 -5.69 -6.84 -5.16
CA CYS A 2 -4.34 -7.42 -4.82
C CYS A 2 -3.92 -6.98 -3.41
N LEU A 3 -4.73 -7.25 -2.42
CA LEU A 3 -4.39 -6.86 -1.02
C LEU A 3 -3.28 -7.76 -0.47
N GLY A 4 -2.12 -7.20 -0.21
CA GLY A 4 -0.99 -8.01 0.32
C GLY A 4 0.30 -7.72 -0.47
N ASP A 5 0.19 -7.22 -1.68
CA ASP A 5 1.40 -6.92 -2.50
C ASP A 5 2.30 -5.92 -1.77
N LYS A 6 3.54 -6.27 -1.53
CA LYS A 6 4.47 -5.35 -0.82
C LYS A 6 4.80 -4.13 -1.69
N CYS A 7 4.77 -2.95 -1.11
CA CYS A 7 5.09 -1.72 -1.88
C CYS A 7 6.27 -0.99 -1.23
N ASP A 8 7.10 -0.36 -2.01
CA ASP A 8 8.28 0.37 -1.43
C ASP A 8 8.42 1.77 -2.06
N TYR A 9 8.30 1.88 -3.35
CA TYR A 9 8.43 3.21 -4.03
C TYR A 9 8.00 3.11 -5.49
N ASN A 10 8.62 2.22 -6.23
CA ASN A 10 8.26 2.05 -7.67
C ASN A 10 7.42 0.78 -7.87
N ASN A 11 6.78 0.29 -6.83
CA ASN A 11 5.96 -0.94 -6.97
C ASN A 11 4.64 -0.62 -7.71
N GLY A 12 3.85 0.27 -7.18
CA GLY A 12 2.56 0.63 -7.85
C GLY A 12 1.47 -0.37 -7.43
N CYS A 13 0.56 0.06 -6.59
CA CYS A 13 -0.54 -0.86 -6.16
C CYS A 13 -1.66 -0.90 -7.22
N CYS A 14 -2.68 -1.69 -6.98
CA CYS A 14 -3.80 -1.77 -7.96
C CYS A 14 -4.67 -0.52 -7.90
N SER A 15 -5.63 -0.40 -8.79
CA SER A 15 -6.52 0.80 -8.78
C SER A 15 -7.38 0.81 -7.51
N GLY A 16 -7.24 1.82 -6.70
CA GLY A 16 -8.04 1.89 -5.43
C GLY A 16 -7.15 1.44 -4.26
N TYR A 17 -6.11 0.68 -4.53
CA TYR A 17 -5.22 0.22 -3.43
C TYR A 17 -4.09 1.24 -3.20
N VAL A 18 -3.63 1.38 -1.98
CA VAL A 18 -2.54 2.36 -1.70
C VAL A 18 -1.41 1.70 -0.89
N CYS A 19 -0.21 2.18 -1.04
CA CYS A 19 0.94 1.57 -0.29
C CYS A 19 0.87 1.97 1.19
N SER A 20 0.44 1.08 2.04
CA SER A 20 0.33 1.40 3.49
C SER A 20 1.73 1.44 4.12
N ARG A 21 1.98 2.40 4.97
CA ARG A 21 3.31 2.51 5.62
C ARG A 21 3.36 1.61 6.88
N THR A 22 2.23 1.36 7.49
CA THR A 22 2.20 0.49 8.71
C THR A 22 2.42 -0.97 8.33
N TRP A 23 1.75 -1.45 7.31
CA TRP A 23 1.93 -2.88 6.89
C TRP A 23 2.87 -2.99 5.68
N LYS A 24 3.18 -1.89 5.02
CA LYS A 24 4.09 -1.91 3.84
C LYS A 24 3.52 -2.75 2.68
N TRP A 25 2.21 -2.80 2.53
CA TRP A 25 1.62 -3.58 1.39
C TRP A 25 0.39 -2.83 0.83
N CYS A 26 -0.01 -3.14 -0.38
CA CYS A 26 -1.18 -2.44 -1.01
C CYS A 26 -2.49 -2.74 -0.27
N VAL A 27 -3.00 -1.79 0.48
CA VAL A 27 -4.28 -2.00 1.22
C VAL A 27 -5.34 -1.04 0.69
N LEU A 28 -6.58 -1.18 1.12
CA LEU A 28 -7.65 -0.25 0.66
C LEU A 28 -7.48 1.13 1.30
N ALA A 29 -7.52 2.18 0.52
CA ALA A 29 -7.37 3.56 1.09
C ALA A 29 -8.55 3.91 1.98
N GLY A 30 -8.30 4.28 3.21
CA GLY A 30 -9.40 4.63 4.15
C GLY A 30 -8.92 5.67 5.16
N PRO A 31 -9.86 6.37 5.74
CA PRO A 31 -9.52 7.43 6.75
C PRO A 31 -9.07 6.78 8.07
N TRP A 32 -8.35 7.53 8.88
CA TRP A 32 -7.85 6.99 10.19
C TRP A 32 -7.07 5.69 9.98
N GLY A 1 -12.16 -3.11 -3.11
CA GLY A 1 -11.13 -2.79 -2.09
C GLY A 1 -9.74 -3.13 -2.62
N CYS A 2 -8.73 -2.39 -2.24
CA CYS A 2 -7.35 -2.67 -2.73
C CYS A 2 -6.51 -3.34 -1.63
N LEU A 3 -7.12 -3.75 -0.54
CA LEU A 3 -6.33 -4.42 0.55
C LEU A 3 -5.86 -5.80 0.07
N GLY A 4 -4.63 -5.88 -0.37
CA GLY A 4 -4.09 -7.19 -0.86
C GLY A 4 -3.33 -6.98 -2.17
N ASP A 5 -3.62 -5.93 -2.90
CA ASP A 5 -2.90 -5.68 -4.19
C ASP A 5 -1.41 -5.48 -3.94
N LYS A 6 -0.58 -6.21 -4.64
CA LYS A 6 0.90 -6.07 -4.44
C LYS A 6 1.40 -4.76 -5.08
N CYS A 7 2.55 -4.29 -4.65
CA CYS A 7 3.10 -3.02 -5.24
C CYS A 7 3.63 -3.28 -6.65
N ASP A 8 3.70 -2.26 -7.47
CA ASP A 8 4.21 -2.46 -8.86
C ASP A 8 5.26 -1.40 -9.19
N TYR A 9 4.88 -0.15 -9.25
CA TYR A 9 5.87 0.92 -9.58
C TYR A 9 5.30 2.30 -9.23
N ASN A 10 4.13 2.62 -9.69
CA ASN A 10 3.53 3.96 -9.39
C ASN A 10 2.61 3.89 -8.16
N ASN A 11 2.61 2.79 -7.44
CA ASN A 11 1.74 2.66 -6.23
C ASN A 11 0.27 2.86 -6.61
N GLY A 12 -0.30 1.91 -7.32
CA GLY A 12 -1.72 2.03 -7.73
C GLY A 12 -2.62 1.44 -6.65
N CYS A 13 -2.57 1.99 -5.45
CA CYS A 13 -3.43 1.48 -4.35
C CYS A 13 -4.77 2.24 -4.34
N CYS A 14 -5.66 1.90 -3.44
CA CYS A 14 -6.98 2.60 -3.39
C CYS A 14 -6.83 3.99 -2.77
N SER A 15 -7.91 4.72 -2.67
CA SER A 15 -7.84 6.09 -2.06
C SER A 15 -7.54 5.99 -0.56
N GLY A 16 -6.39 6.44 -0.15
CA GLY A 16 -6.01 6.36 1.29
C GLY A 16 -5.17 5.10 1.56
N TYR A 17 -5.03 4.23 0.57
CA TYR A 17 -4.22 2.99 0.78
C TYR A 17 -2.76 3.25 0.37
N VAL A 18 -1.82 2.76 1.15
CA VAL A 18 -0.38 2.97 0.82
C VAL A 18 0.35 1.62 0.72
N CYS A 19 1.51 1.62 0.13
CA CYS A 19 2.29 0.34 0.00
C CYS A 19 3.12 0.09 1.27
N SER A 20 2.86 -1.00 1.94
CA SER A 20 3.62 -1.32 3.18
C SER A 20 4.95 -1.99 2.85
N ARG A 21 5.84 -2.08 3.82
CA ARG A 21 7.18 -2.71 3.56
C ARG A 21 7.14 -4.22 3.86
N THR A 22 6.23 -4.66 4.70
CA THR A 22 6.15 -6.13 5.04
C THR A 22 5.83 -6.96 3.79
N TRP A 23 4.59 -7.05 3.41
CA TRP A 23 4.23 -7.85 2.20
C TRP A 23 4.27 -6.98 0.93
N LYS A 24 4.68 -5.73 1.05
CA LYS A 24 4.75 -4.84 -0.15
C LYS A 24 3.40 -4.84 -0.88
N TRP A 25 2.37 -4.38 -0.22
CA TRP A 25 1.01 -4.36 -0.86
C TRP A 25 0.23 -3.12 -0.42
N CYS A 26 -0.94 -2.92 -0.97
CA CYS A 26 -1.77 -1.73 -0.60
C CYS A 26 -2.53 -2.01 0.70
N VAL A 27 -2.33 -1.19 1.70
CA VAL A 27 -3.04 -1.40 3.00
C VAL A 27 -3.61 -0.06 3.50
N LEU A 28 -4.47 -0.13 4.48
CA LEU A 28 -5.08 1.12 5.04
C LEU A 28 -4.05 1.88 5.89
N ALA A 29 -4.02 3.19 5.77
CA ALA A 29 -3.05 4.00 6.58
C ALA A 29 -3.58 4.21 8.00
N GLY A 30 -2.74 4.68 8.89
CA GLY A 30 -3.19 4.92 10.30
C GLY A 30 -2.07 4.50 11.26
N PRO A 31 -2.26 4.81 12.53
CA PRO A 31 -3.47 5.55 12.99
C PRO A 31 -3.36 7.05 12.66
N TRP A 32 -4.42 7.79 12.84
CA TRP A 32 -4.38 9.25 12.55
C TRP A 32 -4.59 10.06 13.84
N GLY A 1 3.90 -10.47 4.83
CA GLY A 1 3.38 -9.50 3.81
C GLY A 1 3.92 -8.09 4.11
N CYS A 2 3.38 -7.10 3.47
CA CYS A 2 3.86 -5.70 3.70
C CYS A 2 2.69 -4.79 4.11
N LEU A 3 1.93 -5.19 5.09
CA LEU A 3 0.78 -4.35 5.55
C LEU A 3 1.24 -3.37 6.63
N GLY A 4 1.41 -2.12 6.27
CA GLY A 4 1.88 -1.10 7.26
C GLY A 4 2.97 -0.23 6.63
N ASP A 5 3.58 -0.67 5.55
CA ASP A 5 4.65 0.12 4.88
C ASP A 5 4.13 1.53 4.54
N LYS A 6 4.76 2.55 5.04
CA LYS A 6 4.30 3.95 4.77
C LYS A 6 4.62 4.34 3.31
N CYS A 7 3.73 5.06 2.67
CA CYS A 7 3.96 5.48 1.26
C CYS A 7 5.19 6.41 1.19
N ASP A 8 5.99 6.27 0.15
CA ASP A 8 7.21 7.13 0.02
C ASP A 8 7.01 8.20 -1.06
N TYR A 9 6.90 7.80 -2.30
CA TYR A 9 6.72 8.81 -3.40
C TYR A 9 5.73 8.27 -4.45
N ASN A 10 6.04 7.16 -5.07
CA ASN A 10 5.12 6.57 -6.09
C ASN A 10 4.28 5.47 -5.46
N ASN A 11 4.85 4.73 -4.53
CA ASN A 11 4.09 3.62 -3.87
C ASN A 11 4.87 3.13 -2.63
N GLY A 12 6.03 2.56 -2.84
CA GLY A 12 6.83 2.06 -1.68
C GLY A 12 6.12 0.86 -1.03
N CYS A 13 5.47 0.04 -1.82
CA CYS A 13 4.77 -1.15 -1.25
C CYS A 13 5.34 -2.44 -1.85
N CYS A 14 4.80 -3.57 -1.47
CA CYS A 14 5.29 -4.87 -2.01
C CYS A 14 4.36 -5.35 -3.12
N SER A 15 4.69 -6.46 -3.75
CA SER A 15 3.81 -7.00 -4.84
C SER A 15 2.43 -7.36 -4.29
N GLY A 16 1.39 -6.81 -4.85
CA GLY A 16 0.00 -7.12 -4.36
C GLY A 16 -0.40 -6.13 -3.25
N TYR A 17 0.32 -5.05 -3.09
CA TYR A 17 -0.02 -4.06 -2.02
C TYR A 17 -0.12 -2.65 -2.62
N VAL A 18 -1.23 -1.99 -2.42
CA VAL A 18 -1.40 -0.60 -2.96
C VAL A 18 -1.23 0.42 -1.82
N CYS A 19 -0.93 1.66 -2.15
CA CYS A 19 -0.77 2.69 -1.08
C CYS A 19 -2.13 3.29 -0.71
N SER A 20 -2.55 3.10 0.51
CA SER A 20 -3.87 3.65 0.94
C SER A 20 -3.77 5.17 1.16
N ARG A 21 -4.65 5.92 0.55
CA ARG A 21 -4.62 7.40 0.73
C ARG A 21 -5.32 7.79 2.05
N THR A 22 -6.03 6.86 2.65
CA THR A 22 -6.73 7.16 3.94
C THR A 22 -5.81 6.85 5.12
N TRP A 23 -5.16 5.70 5.11
CA TRP A 23 -4.25 5.33 6.24
C TRP A 23 -2.79 5.67 5.89
N LYS A 24 -2.50 5.99 4.64
CA LYS A 24 -1.11 6.32 4.22
C LYS A 24 -0.16 5.11 4.34
N TRP A 25 -0.68 3.90 4.32
CA TRP A 25 0.22 2.71 4.39
C TRP A 25 -0.16 1.69 3.30
N CYS A 26 0.78 0.87 2.90
CA CYS A 26 0.49 -0.14 1.83
C CYS A 26 -0.40 -1.27 2.36
N VAL A 27 -1.64 -1.32 1.93
CA VAL A 27 -2.57 -2.39 2.41
C VAL A 27 -2.65 -3.51 1.36
N LEU A 28 -3.21 -4.64 1.71
CA LEU A 28 -3.31 -5.77 0.73
C LEU A 28 -4.29 -5.41 -0.41
N ALA A 29 -3.89 -5.64 -1.63
CA ALA A 29 -4.77 -5.33 -2.79
C ALA A 29 -5.68 -6.52 -3.13
N GLY A 30 -6.64 -6.32 -4.00
CA GLY A 30 -7.56 -7.43 -4.39
C GLY A 30 -8.16 -7.14 -5.78
N PRO A 31 -9.02 -8.03 -6.23
CA PRO A 31 -9.38 -9.24 -5.44
C PRO A 31 -8.26 -10.29 -5.52
N TRP A 32 -8.06 -11.02 -4.45
CA TRP A 32 -6.99 -12.07 -4.45
C TRP A 32 -7.44 -13.29 -3.65
N GLY A 1 0.25 9.25 -5.18
CA GLY A 1 -0.77 8.80 -4.19
C GLY A 1 -1.47 7.54 -4.70
N CYS A 2 -1.07 6.38 -4.20
CA CYS A 2 -1.71 5.10 -4.66
C CYS A 2 -2.61 4.53 -3.55
N LEU A 3 -3.31 5.38 -2.84
CA LEU A 3 -4.21 4.89 -1.76
C LEU A 3 -5.44 4.21 -2.36
N GLY A 4 -5.53 2.91 -2.23
CA GLY A 4 -6.70 2.17 -2.79
C GLY A 4 -6.22 1.08 -3.75
N ASP A 5 -5.03 1.21 -4.29
CA ASP A 5 -4.51 0.18 -5.24
C ASP A 5 -4.36 -1.17 -4.52
N LYS A 6 -5.08 -2.18 -4.95
CA LYS A 6 -4.97 -3.51 -4.28
C LYS A 6 -3.56 -4.07 -4.47
N CYS A 7 -3.06 -4.80 -3.49
CA CYS A 7 -1.69 -5.38 -3.62
C CYS A 7 -1.63 -6.38 -4.78
N ASP A 8 -0.46 -6.70 -5.25
CA ASP A 8 -0.35 -7.67 -6.38
C ASP A 8 -0.07 -9.08 -5.85
N TYR A 9 1.18 -9.39 -5.56
CA TYR A 9 1.51 -10.73 -5.02
C TYR A 9 2.05 -10.59 -3.60
N ASN A 10 3.08 -9.80 -3.43
CA ASN A 10 3.68 -9.60 -2.08
C ASN A 10 3.64 -8.11 -1.69
N ASN A 11 3.66 -7.23 -2.67
CA ASN A 11 3.63 -5.76 -2.37
C ASN A 11 3.59 -4.96 -3.68
N GLY A 12 2.42 -4.78 -4.21
CA GLY A 12 2.28 -4.02 -5.49
C GLY A 12 1.89 -2.57 -5.17
N CYS A 13 2.75 -1.85 -4.51
CA CYS A 13 2.44 -0.42 -4.15
C CYS A 13 3.56 0.49 -4.64
N CYS A 14 3.22 1.69 -5.07
CA CYS A 14 4.26 2.64 -5.56
C CYS A 14 5.12 3.13 -4.38
N SER A 15 6.24 3.75 -4.67
CA SER A 15 7.14 4.25 -3.58
C SER A 15 6.38 5.20 -2.66
N GLY A 16 6.45 4.96 -1.36
CA GLY A 16 5.72 5.83 -0.39
C GLY A 16 4.48 5.11 0.16
N TYR A 17 3.92 4.20 -0.60
CA TYR A 17 2.71 3.47 -0.12
C TYR A 17 3.06 2.01 0.21
N VAL A 18 2.61 1.52 1.34
CA VAL A 18 2.91 0.11 1.74
C VAL A 18 1.70 -0.80 1.51
N CYS A 19 1.92 -2.05 1.21
CA CYS A 19 0.79 -2.99 0.98
C CYS A 19 0.14 -3.39 2.32
N SER A 20 -1.08 -3.00 2.53
CA SER A 20 -1.77 -3.36 3.81
C SER A 20 -2.35 -4.78 3.72
N ARG A 21 -2.01 -5.63 4.66
CA ARG A 21 -2.55 -7.03 4.62
C ARG A 21 -3.98 -7.07 5.18
N THR A 22 -4.33 -6.11 6.01
CA THR A 22 -5.71 -6.09 6.59
C THR A 22 -6.72 -5.59 5.55
N TRP A 23 -6.41 -4.52 4.88
CA TRP A 23 -7.36 -3.98 3.84
C TRP A 23 -6.96 -4.47 2.44
N LYS A 24 -5.83 -5.13 2.32
CA LYS A 24 -5.36 -5.63 0.98
C LYS A 24 -5.19 -4.48 -0.03
N TRP A 25 -4.95 -3.27 0.43
CA TRP A 25 -4.76 -2.13 -0.51
C TRP A 25 -3.52 -1.30 -0.09
N CYS A 26 -2.89 -0.64 -1.03
CA CYS A 26 -1.67 0.17 -0.70
C CYS A 26 -2.05 1.42 0.09
N VAL A 27 -1.70 1.45 1.36
CA VAL A 27 -2.04 2.65 2.20
C VAL A 27 -0.81 3.55 2.33
N LEU A 28 -1.01 4.80 2.66
CA LEU A 28 0.14 5.75 2.81
C LEU A 28 0.92 5.45 4.10
N ALA A 29 2.22 5.65 4.08
CA ALA A 29 3.03 5.40 5.30
C ALA A 29 3.45 6.73 5.94
N GLY A 30 3.07 6.95 7.17
CA GLY A 30 3.44 8.24 7.85
C GLY A 30 3.08 8.16 9.34
N PRO A 31 2.35 9.14 9.82
CA PRO A 31 1.91 10.28 8.97
C PRO A 31 3.08 11.21 8.64
N TRP A 32 2.94 12.02 7.62
CA TRP A 32 4.03 12.96 7.23
C TRP A 32 4.21 14.05 8.31
N GLY A 1 8.15 6.99 5.80
CA GLY A 1 7.23 5.82 5.61
C GLY A 1 6.34 6.05 4.38
N CYS A 2 6.01 5.00 3.68
CA CYS A 2 5.14 5.15 2.46
C CYS A 2 3.69 4.73 2.76
N LEU A 3 3.30 4.70 4.02
CA LEU A 3 1.91 4.30 4.35
C LEU A 3 0.95 5.46 4.05
N GLY A 4 0.11 5.29 3.05
CA GLY A 4 -0.85 6.38 2.69
C GLY A 4 -0.87 6.57 1.17
N ASP A 5 0.21 6.24 0.49
CA ASP A 5 0.26 6.40 -1.00
C ASP A 5 -0.72 5.44 -1.67
N LYS A 6 -1.69 5.96 -2.37
CA LYS A 6 -2.70 5.08 -3.06
C LYS A 6 -2.05 4.34 -4.23
N CYS A 7 -2.54 3.16 -4.53
CA CYS A 7 -1.97 2.38 -5.67
C CYS A 7 -2.43 2.97 -7.02
N ASP A 8 -2.00 2.40 -8.11
CA ASP A 8 -2.40 2.92 -9.45
C ASP A 8 -2.76 1.78 -10.40
N TYR A 9 -1.82 0.88 -10.64
CA TYR A 9 -2.09 -0.26 -11.57
C TYR A 9 -1.19 -1.45 -11.25
N ASN A 10 0.10 -1.24 -11.19
CA ASN A 10 1.04 -2.37 -10.89
C ASN A 10 1.37 -2.45 -9.39
N ASN A 11 0.67 -1.70 -8.56
CA ASN A 11 0.94 -1.72 -7.08
C ASN A 11 2.43 -1.48 -6.83
N GLY A 12 2.91 -0.29 -7.12
CA GLY A 12 4.34 0.03 -6.91
C GLY A 12 4.55 0.67 -5.54
N CYS A 13 4.24 -0.05 -4.48
CA CYS A 13 4.43 0.51 -3.11
C CYS A 13 5.91 0.42 -2.71
N CYS A 14 6.31 1.15 -1.69
CA CYS A 14 7.75 1.11 -1.26
C CYS A 14 8.14 -0.31 -0.80
N SER A 15 9.42 -0.56 -0.65
CA SER A 15 9.88 -1.91 -0.21
C SER A 15 9.38 -2.19 1.22
N GLY A 16 8.73 -3.31 1.41
CA GLY A 16 8.20 -3.65 2.77
C GLY A 16 6.74 -3.20 2.88
N TYR A 17 6.14 -2.74 1.81
CA TYR A 17 4.72 -2.28 1.86
C TYR A 17 3.87 -3.10 0.88
N VAL A 18 2.59 -3.22 1.15
CA VAL A 18 1.71 -4.01 0.24
C VAL A 18 0.46 -3.20 -0.12
N CYS A 19 -0.06 -3.39 -1.32
CA CYS A 19 -1.28 -2.63 -1.73
C CYS A 19 -2.53 -3.30 -1.18
N SER A 20 -3.29 -2.59 -0.37
CA SER A 20 -4.53 -3.20 0.21
C SER A 20 -5.73 -2.94 -0.71
N ARG A 21 -6.72 -3.79 -0.64
CA ARG A 21 -7.94 -3.60 -1.52
C ARG A 21 -9.00 -2.74 -0.82
N THR A 22 -8.85 -2.48 0.46
CA THR A 22 -9.87 -1.65 1.19
C THR A 22 -9.79 -0.20 0.72
N TRP A 23 -8.69 0.48 0.97
CA TRP A 23 -8.55 1.90 0.53
C TRP A 23 -7.58 2.00 -0.66
N LYS A 24 -7.12 0.89 -1.18
CA LYS A 24 -6.17 0.91 -2.34
C LYS A 24 -4.95 1.79 -2.02
N TRP A 25 -4.17 1.42 -1.04
CA TRP A 25 -2.96 2.23 -0.69
C TRP A 25 -1.85 1.32 -0.13
N CYS A 26 -0.67 1.87 0.05
CA CYS A 26 0.47 1.05 0.57
C CYS A 26 0.33 0.85 2.09
N VAL A 27 0.45 -0.38 2.55
CA VAL A 27 0.33 -0.66 4.01
C VAL A 27 1.57 -1.44 4.48
N LEU A 28 1.75 -1.57 5.77
CA LEU A 28 2.92 -2.33 6.30
C LEU A 28 2.78 -3.81 5.95
N ALA A 29 3.87 -4.46 5.62
CA ALA A 29 3.81 -5.91 5.26
C ALA A 29 3.75 -6.76 6.54
N GLY A 30 2.57 -7.17 6.93
CA GLY A 30 2.44 -8.01 8.16
C GLY A 30 1.51 -9.20 7.87
N PRO A 31 0.24 -9.02 8.15
CA PRO A 31 -0.27 -7.75 8.71
C PRO A 31 0.04 -7.67 10.21
N TRP A 32 0.05 -6.47 10.76
CA TRP A 32 0.34 -6.33 12.22
C TRP A 32 -0.90 -5.83 12.97
N GLY A 1 5.59 -1.61 11.31
CA GLY A 1 4.76 -2.25 10.25
C GLY A 1 4.75 -1.36 9.00
N CYS A 2 4.27 -1.88 7.89
CA CYS A 2 4.24 -1.07 6.64
C CYS A 2 2.88 -0.36 6.49
N LEU A 3 1.86 -0.80 7.20
CA LEU A 3 0.52 -0.13 7.08
C LEU A 3 0.62 1.33 7.52
N GLY A 4 0.45 2.23 6.60
CA GLY A 4 0.54 3.69 6.93
C GLY A 4 1.53 4.38 5.99
N ASP A 5 2.51 3.64 5.49
CA ASP A 5 3.51 4.24 4.56
C ASP A 5 2.83 4.71 3.27
N LYS A 6 2.79 6.00 3.05
CA LYS A 6 2.13 6.54 1.81
C LYS A 6 2.90 6.11 0.55
N CYS A 7 2.21 5.58 -0.43
CA CYS A 7 2.90 5.15 -1.68
C CYS A 7 2.51 6.07 -2.84
N ASP A 8 3.45 6.41 -3.69
CA ASP A 8 3.13 7.31 -4.83
C ASP A 8 4.05 7.02 -6.04
N TYR A 9 5.34 7.13 -5.86
CA TYR A 9 6.28 6.86 -7.00
C TYR A 9 6.97 5.50 -6.82
N ASN A 10 7.93 5.41 -5.93
CA ASN A 10 8.63 4.11 -5.73
C ASN A 10 8.83 3.84 -4.24
N ASN A 11 7.76 3.83 -3.49
CA ASN A 11 7.89 3.56 -2.02
C ASN A 11 8.33 2.11 -1.77
N GLY A 12 7.65 1.16 -2.37
CA GLY A 12 8.04 -0.28 -2.17
C GLY A 12 7.62 -0.76 -0.79
N CYS A 13 6.45 -1.33 -0.67
CA CYS A 13 5.98 -1.84 0.66
C CYS A 13 6.55 -3.24 0.92
N CYS A 14 6.51 -3.70 2.14
CA CYS A 14 7.05 -5.06 2.46
C CYS A 14 6.06 -6.16 2.02
N SER A 15 6.43 -7.40 2.18
CA SER A 15 5.52 -8.53 1.77
C SER A 15 4.18 -8.44 2.50
N GLY A 16 3.10 -8.71 1.82
CA GLY A 16 1.75 -8.65 2.46
C GLY A 16 1.22 -7.20 2.44
N TYR A 17 1.95 -6.28 1.85
CA TYR A 17 1.48 -4.87 1.80
C TYR A 17 1.64 -4.30 0.38
N VAL A 18 0.66 -3.58 -0.10
CA VAL A 18 0.75 -3.00 -1.48
C VAL A 18 0.19 -1.58 -1.50
N CYS A 19 0.56 -0.81 -2.50
CA CYS A 19 0.05 0.60 -2.60
C CYS A 19 -1.43 0.60 -2.99
N SER A 20 -2.29 1.02 -2.09
CA SER A 20 -3.76 1.03 -2.41
C SER A 20 -4.17 2.37 -3.03
N ARG A 21 -5.27 2.38 -3.74
CA ARG A 21 -5.75 3.65 -4.37
C ARG A 21 -6.65 4.40 -3.39
N THR A 22 -7.60 3.72 -2.79
CA THR A 22 -8.51 4.38 -1.81
C THR A 22 -7.73 4.84 -0.58
N TRP A 23 -6.78 4.04 -0.15
CA TRP A 23 -5.97 4.41 1.05
C TRP A 23 -4.72 5.20 0.64
N LYS A 24 -4.17 4.92 -0.53
CA LYS A 24 -2.96 5.65 -1.02
C LYS A 24 -1.73 5.34 -0.14
N TRP A 25 -1.69 4.18 0.47
CA TRP A 25 -0.51 3.81 1.31
C TRP A 25 -0.32 2.28 1.30
N CYS A 26 0.73 1.77 1.90
CA CYS A 26 0.96 0.30 1.90
C CYS A 26 -0.07 -0.37 2.82
N VAL A 27 -1.10 -0.93 2.25
CA VAL A 27 -2.15 -1.59 3.09
C VAL A 27 -2.04 -3.11 2.97
N LEU A 28 -2.55 -3.83 3.94
CA LEU A 28 -2.49 -5.32 3.90
C LEU A 28 -3.23 -5.85 2.66
N ALA A 29 -2.66 -6.79 1.97
CA ALA A 29 -3.33 -7.35 0.75
C ALA A 29 -4.14 -8.59 1.11
N GLY A 30 -5.11 -8.45 1.99
CA GLY A 30 -5.95 -9.62 2.39
C GLY A 30 -7.19 -9.69 1.50
N PRO A 31 -8.01 -10.69 1.73
CA PRO A 31 -7.74 -11.69 2.81
C PRO A 31 -6.60 -12.64 2.38
N TRP A 32 -6.01 -13.33 3.33
CA TRP A 32 -4.89 -14.28 3.02
C TRP A 32 -3.61 -13.51 2.62
N GLY A 1 -10.91 6.48 2.34
CA GLY A 1 -9.81 5.64 2.91
C GLY A 1 -9.51 4.47 1.96
N CYS A 2 -8.33 4.41 1.43
CA CYS A 2 -7.97 3.30 0.50
C CYS A 2 -7.03 2.29 1.19
N LEU A 3 -7.14 2.16 2.49
CA LEU A 3 -6.27 1.19 3.22
C LEU A 3 -6.89 -0.21 3.17
N GLY A 4 -6.30 -1.11 2.44
CA GLY A 4 -6.86 -2.48 2.33
C GLY A 4 -6.82 -2.96 0.87
N ASP A 5 -6.76 -2.04 -0.07
CA ASP A 5 -6.72 -2.44 -1.51
C ASP A 5 -5.42 -3.17 -1.81
N LYS A 6 -5.48 -4.45 -2.07
CA LYS A 6 -4.24 -5.23 -2.36
C LYS A 6 -3.60 -4.76 -3.67
N CYS A 7 -2.30 -4.85 -3.77
CA CYS A 7 -1.60 -4.41 -5.01
C CYS A 7 -0.34 -5.25 -5.24
N ASP A 8 0.13 -5.31 -6.47
CA ASP A 8 1.35 -6.11 -6.76
C ASP A 8 2.47 -5.21 -7.30
N TYR A 9 2.24 -4.55 -8.41
CA TYR A 9 3.31 -3.67 -8.99
C TYR A 9 2.68 -2.45 -9.68
N ASN A 10 1.81 -2.67 -10.64
CA ASN A 10 1.18 -1.53 -11.35
C ASN A 10 -0.30 -1.37 -10.92
N ASN A 11 -0.58 -1.58 -9.66
CA ASN A 11 -1.99 -1.45 -9.17
C ASN A 11 -2.39 0.04 -9.12
N GLY A 12 -1.65 0.84 -8.38
CA GLY A 12 -1.99 2.29 -8.30
C GLY A 12 -2.90 2.53 -7.09
N CYS A 13 -2.33 2.92 -5.97
CA CYS A 13 -3.17 3.17 -4.75
C CYS A 13 -3.59 4.64 -4.70
N CYS A 14 -4.28 5.05 -3.66
CA CYS A 14 -4.72 6.47 -3.54
C CYS A 14 -3.51 7.35 -3.20
N SER A 15 -3.60 8.63 -3.48
CA SER A 15 -2.45 9.54 -3.18
C SER A 15 -2.10 9.47 -1.68
N GLY A 16 -0.88 9.12 -1.37
CA GLY A 16 -0.47 9.02 0.06
C GLY A 16 -0.35 7.54 0.46
N TYR A 17 -1.03 6.66 -0.24
CA TYR A 17 -0.95 5.20 0.10
C TYR A 17 0.13 4.51 -0.74
N VAL A 18 0.83 3.56 -0.15
CA VAL A 18 1.91 2.84 -0.91
C VAL A 18 1.75 1.32 -0.75
N CYS A 19 2.33 0.56 -1.63
CA CYS A 19 2.22 -0.94 -1.53
C CYS A 19 3.14 -1.47 -0.44
N SER A 20 2.60 -2.10 0.56
CA SER A 20 3.45 -2.65 1.67
C SER A 20 3.86 -4.09 1.35
N ARG A 21 4.97 -4.54 1.89
CA ARG A 21 5.41 -5.94 1.63
C ARG A 21 4.70 -6.89 2.60
N THR A 22 4.70 -6.57 3.87
CA THR A 22 4.02 -7.45 4.87
C THR A 22 2.50 -7.41 4.65
N TRP A 23 1.95 -6.24 4.42
CA TRP A 23 0.49 -6.12 4.19
C TRP A 23 0.13 -6.44 2.73
N LYS A 24 1.03 -6.17 1.80
CA LYS A 24 0.76 -6.46 0.36
C LYS A 24 -0.45 -5.65 -0.15
N TRP A 25 -0.75 -4.52 0.46
CA TRP A 25 -1.90 -3.71 -0.02
C TRP A 25 -1.58 -2.21 0.14
N CYS A 26 -2.46 -1.34 -0.29
CA CYS A 26 -2.19 0.13 -0.17
C CYS A 26 -2.29 0.56 1.30
N VAL A 27 -1.16 0.72 1.95
CA VAL A 27 -1.15 1.15 3.38
C VAL A 27 -0.55 2.56 3.50
N LEU A 28 -0.86 3.25 4.56
CA LEU A 28 -0.30 4.63 4.74
C LEU A 28 1.21 4.56 5.01
N ALA A 29 2.00 5.30 4.26
CA ALA A 29 3.48 5.27 4.47
C ALA A 29 3.83 5.90 5.82
N GLY A 30 4.78 5.32 6.52
CA GLY A 30 5.19 5.87 7.85
C GLY A 30 6.70 5.67 8.07
N PRO A 31 7.14 5.86 9.28
CA PRO A 31 6.22 6.26 10.39
C PRO A 31 5.84 7.74 10.28
N TRP A 32 4.96 8.21 11.13
CA TRP A 32 4.54 9.64 11.08
C TRP A 32 4.98 10.37 12.36
N GLY A 1 -3.93 -8.12 9.83
CA GLY A 1 -3.50 -8.07 8.40
C GLY A 1 -2.73 -6.77 8.13
N CYS A 2 -2.10 -6.68 6.98
CA CYS A 2 -1.34 -5.43 6.65
C CYS A 2 -2.16 -4.50 5.73
N LEU A 3 -3.36 -4.90 5.38
CA LEU A 3 -4.20 -4.03 4.48
C LEU A 3 -4.71 -2.81 5.26
N GLY A 4 -4.09 -1.68 5.08
CA GLY A 4 -4.53 -0.45 5.81
C GLY A 4 -3.30 0.28 6.39
N ASP A 5 -2.17 -0.39 6.48
CA ASP A 5 -0.95 0.26 7.03
C ASP A 5 -0.54 1.47 6.17
N LYS A 6 -0.43 2.63 6.77
CA LYS A 6 -0.04 3.84 6.00
C LYS A 6 1.41 3.75 5.49
N CYS A 7 1.69 4.35 4.36
CA CYS A 7 3.08 4.31 3.82
C CYS A 7 4.06 5.01 4.77
N ASP A 8 5.31 4.64 4.72
CA ASP A 8 6.31 5.28 5.63
C ASP A 8 7.29 6.15 4.82
N TYR A 9 8.08 5.54 3.97
CA TYR A 9 9.04 6.33 3.15
C TYR A 9 8.91 5.93 1.67
N ASN A 10 9.27 4.72 1.32
CA ASN A 10 9.16 4.26 -0.09
C ASN A 10 8.20 3.07 -0.21
N ASN A 11 7.91 2.40 0.90
CA ASN A 11 6.98 1.24 0.84
C ASN A 11 6.21 1.12 2.17
N GLY A 12 6.90 0.82 3.25
CA GLY A 12 6.22 0.68 4.57
C GLY A 12 5.08 -0.34 4.48
N CYS A 13 5.28 -1.40 3.74
CA CYS A 13 4.21 -2.44 3.61
C CYS A 13 4.77 -3.84 3.92
N CYS A 14 3.91 -4.82 4.02
CA CYS A 14 4.38 -6.21 4.31
C CYS A 14 4.72 -6.93 2.99
N SER A 15 5.23 -8.14 3.07
CA SER A 15 5.57 -8.88 1.82
C SER A 15 4.29 -9.18 1.03
N GLY A 16 4.18 -8.63 -0.16
CA GLY A 16 2.96 -8.87 -0.99
C GLY A 16 2.04 -7.64 -0.95
N TYR A 17 2.48 -6.56 -0.34
CA TYR A 17 1.63 -5.34 -0.26
C TYR A 17 2.38 -4.13 -0.84
N VAL A 18 1.70 -3.31 -1.60
CA VAL A 18 2.39 -2.11 -2.20
C VAL A 18 1.73 -0.82 -1.69
N CYS A 19 2.39 0.29 -1.84
CA CYS A 19 1.82 1.59 -1.37
C CYS A 19 0.77 2.08 -2.37
N SER A 20 -0.46 2.19 -1.95
CA SER A 20 -1.55 2.66 -2.86
C SER A 20 -1.38 4.15 -3.16
N ARG A 21 -1.48 4.53 -4.41
CA ARG A 21 -1.36 5.98 -4.76
C ARG A 21 -2.69 6.70 -4.55
N THR A 22 -3.77 5.95 -4.40
CA THR A 22 -5.10 6.60 -4.19
C THR A 22 -5.42 6.68 -2.69
N TRP A 23 -5.20 5.62 -1.96
CA TRP A 23 -5.51 5.64 -0.49
C TRP A 23 -4.22 5.84 0.33
N LYS A 24 -3.07 5.69 -0.28
CA LYS A 24 -1.77 5.86 0.46
C LYS A 24 -1.55 4.76 1.51
N TRP A 25 -2.31 3.68 1.45
CA TRP A 25 -2.10 2.58 2.45
C TRP A 25 -1.68 1.30 1.73
N CYS A 26 -1.03 0.40 2.43
CA CYS A 26 -0.57 -0.88 1.78
C CYS A 26 -1.76 -1.70 1.27
N VAL A 27 -2.01 -1.64 -0.01
CA VAL A 27 -3.15 -2.42 -0.60
C VAL A 27 -2.61 -3.68 -1.29
N LEU A 28 -3.41 -4.71 -1.40
CA LEU A 28 -2.95 -5.96 -2.07
C LEU A 28 -2.74 -5.74 -3.56
N ALA A 29 -1.69 -6.29 -4.12
CA ALA A 29 -1.43 -6.10 -5.58
C ALA A 29 -2.58 -6.69 -6.41
N GLY A 30 -3.20 -5.89 -7.24
CA GLY A 30 -4.33 -6.39 -8.09
C GLY A 30 -4.16 -5.88 -9.52
N PRO A 31 -5.25 -5.79 -10.25
CA PRO A 31 -6.58 -6.18 -9.72
C PRO A 31 -6.75 -7.71 -9.72
N TRP A 32 -7.96 -8.17 -9.57
CA TRP A 32 -8.22 -9.65 -9.56
C TRP A 32 -7.59 -10.32 -10.79
N GLY A 1 -10.99 6.94 -1.14
CA GLY A 1 -10.31 5.65 -0.78
C GLY A 1 -9.16 5.37 -1.74
N CYS A 2 -8.03 4.94 -1.21
CA CYS A 2 -6.85 4.64 -2.09
C CYS A 2 -6.60 3.14 -2.19
N LEU A 3 -7.49 2.32 -1.66
CA LEU A 3 -7.27 0.84 -1.74
C LEU A 3 -7.42 0.35 -3.18
N GLY A 4 -6.48 -0.43 -3.65
CA GLY A 4 -6.55 -0.94 -5.05
C GLY A 4 -5.41 -0.32 -5.88
N ASP A 5 -4.92 0.83 -5.49
CA ASP A 5 -3.81 1.48 -6.26
C ASP A 5 -2.58 0.58 -6.28
N LYS A 6 -2.15 0.16 -7.43
CA LYS A 6 -0.95 -0.73 -7.52
C LYS A 6 0.34 0.04 -7.17
N CYS A 7 1.23 -0.58 -6.43
CA CYS A 7 2.50 0.09 -6.05
C CYS A 7 3.70 -0.71 -6.55
N ASP A 8 4.90 -0.21 -6.35
CA ASP A 8 6.11 -0.94 -6.81
C ASP A 8 7.15 -1.03 -5.68
N TYR A 9 7.56 0.08 -5.14
CA TYR A 9 8.57 0.07 -4.04
C TYR A 9 8.34 1.27 -3.11
N ASN A 10 8.44 2.47 -3.63
CA ASN A 10 8.23 3.68 -2.78
C ASN A 10 7.23 4.63 -3.46
N ASN A 11 6.22 4.09 -4.11
CA ASN A 11 5.20 4.95 -4.79
C ASN A 11 4.63 5.99 -3.81
N GLY A 12 4.18 5.54 -2.67
CA GLY A 12 3.63 6.49 -1.66
C GLY A 12 2.17 6.81 -1.99
N CYS A 13 1.24 6.10 -1.39
CA CYS A 13 -0.20 6.38 -1.67
C CYS A 13 -0.67 7.59 -0.84
N CYS A 14 -1.94 7.91 -0.89
CA CYS A 14 -2.46 9.06 -0.10
C CYS A 14 -2.22 8.84 1.40
N SER A 15 -2.18 9.90 2.17
CA SER A 15 -1.94 9.76 3.65
C SER A 15 -2.98 8.82 4.26
N GLY A 16 -2.54 7.79 4.95
CA GLY A 16 -3.50 6.83 5.57
C GLY A 16 -3.38 5.45 4.89
N TYR A 17 -2.85 5.40 3.69
CA TYR A 17 -2.71 4.09 2.99
C TYR A 17 -1.24 3.72 2.82
N VAL A 18 -0.94 2.45 2.74
CA VAL A 18 0.48 2.00 2.58
C VAL A 18 0.59 0.99 1.44
N CYS A 19 1.61 1.09 0.62
CA CYS A 19 1.79 0.13 -0.50
C CYS A 19 2.29 -1.21 0.04
N SER A 20 1.53 -2.27 -0.18
CA SER A 20 1.95 -3.61 0.32
C SER A 20 2.96 -4.25 -0.62
N ARG A 21 4.04 -4.77 -0.08
CA ARG A 21 5.07 -5.44 -0.94
C ARG A 21 4.63 -6.87 -1.29
N THR A 22 3.63 -7.39 -0.62
CA THR A 22 3.15 -8.78 -0.90
C THR A 22 2.03 -8.74 -1.95
N TRP A 23 1.04 -7.89 -1.76
CA TRP A 23 -0.08 -7.80 -2.76
C TRP A 23 0.21 -6.73 -3.82
N LYS A 24 1.16 -5.86 -3.56
CA LYS A 24 1.51 -4.77 -4.53
C LYS A 24 0.35 -3.78 -4.73
N TRP A 25 -0.45 -3.56 -3.71
CA TRP A 25 -1.56 -2.56 -3.83
C TRP A 25 -1.66 -1.75 -2.53
N CYS A 26 -2.20 -0.55 -2.61
CA CYS A 26 -2.32 0.31 -1.39
C CYS A 26 -3.35 -0.25 -0.41
N VAL A 27 -2.92 -0.72 0.72
CA VAL A 27 -3.88 -1.27 1.72
C VAL A 27 -4.00 -0.32 2.92
N LEU A 28 -4.97 -0.53 3.76
CA LEU A 28 -5.14 0.37 4.96
C LEU A 28 -4.01 0.12 5.97
N ALA A 29 -3.52 1.16 6.58
CA ALA A 29 -2.42 0.98 7.59
C ALA A 29 -2.92 0.20 8.80
N GLY A 30 -2.20 -0.80 9.22
CA GLY A 30 -2.62 -1.62 10.40
C GLY A 30 -1.93 -2.99 10.35
N PRO A 31 -2.33 -3.86 11.26
CA PRO A 31 -3.38 -3.53 12.26
C PRO A 31 -2.82 -2.61 13.35
N TRP A 32 -3.65 -1.82 13.98
CA TRP A 32 -3.16 -0.91 15.05
C TRP A 32 -3.35 -1.57 16.43
N GLY A 1 1.02 11.26 2.17
CA GLY A 1 1.68 9.95 1.89
C GLY A 1 0.86 9.18 0.85
N CYS A 2 1.25 7.96 0.57
CA CYS A 2 0.49 7.15 -0.45
C CYS A 2 -0.44 6.15 0.25
N LEU A 3 -0.91 6.47 1.43
CA LEU A 3 -1.83 5.54 2.16
C LEU A 3 -3.26 5.68 1.61
N GLY A 4 -3.76 4.66 0.97
CA GLY A 4 -5.14 4.72 0.40
C GLY A 4 -5.15 4.14 -1.00
N ASP A 5 -4.05 4.26 -1.73
CA ASP A 5 -3.99 3.70 -3.12
C ASP A 5 -4.31 2.20 -3.10
N LYS A 6 -5.28 1.78 -3.87
CA LYS A 6 -5.65 0.32 -3.90
C LYS A 6 -4.52 -0.51 -4.53
N CYS A 7 -4.38 -1.74 -4.09
CA CYS A 7 -3.31 -2.61 -4.67
C CYS A 7 -3.64 -2.93 -6.13
N ASP A 8 -2.66 -3.28 -6.91
CA ASP A 8 -2.92 -3.60 -8.35
C ASP A 8 -2.62 -5.07 -8.64
N TYR A 9 -1.37 -5.44 -8.72
CA TYR A 9 -1.02 -6.88 -8.99
C TYR A 9 0.19 -7.30 -8.15
N ASN A 10 1.30 -6.63 -8.33
CA ASN A 10 2.52 -6.98 -7.53
C ASN A 10 2.63 -6.06 -6.31
N ASN A 11 2.19 -4.83 -6.44
CA ASN A 11 2.26 -3.88 -5.28
C ASN A 11 1.37 -2.66 -5.57
N GLY A 12 1.72 -1.86 -6.53
CA GLY A 12 0.90 -0.65 -6.85
C GLY A 12 0.94 0.33 -5.67
N CYS A 13 2.07 0.44 -5.02
CA CYS A 13 2.20 1.37 -3.86
C CYS A 13 3.47 2.22 -4.00
N CYS A 14 3.64 3.19 -3.14
CA CYS A 14 4.87 4.05 -3.21
C CYS A 14 6.06 3.32 -2.57
N SER A 15 7.23 3.92 -2.61
CA SER A 15 8.43 3.27 -2.00
C SER A 15 8.28 3.21 -0.47
N GLY A 16 8.25 2.02 0.07
CA GLY A 16 8.10 1.87 1.55
C GLY A 16 6.66 1.49 1.91
N TYR A 17 5.73 1.64 0.99
CA TYR A 17 4.31 1.28 1.30
C TYR A 17 4.03 -0.17 0.92
N VAL A 18 3.45 -0.92 1.83
CA VAL A 18 3.14 -2.36 1.56
C VAL A 18 1.67 -2.52 1.12
N CYS A 19 1.30 -3.67 0.61
CA CYS A 19 -0.12 -3.88 0.17
C CYS A 19 -0.84 -4.81 1.14
N SER A 20 -1.89 -4.33 1.78
CA SER A 20 -2.66 -5.17 2.74
C SER A 20 -3.80 -5.90 2.01
N ARG A 21 -4.20 -7.05 2.50
CA ARG A 21 -5.30 -7.81 1.83
C ARG A 21 -6.67 -7.43 2.42
N THR A 22 -6.71 -6.85 3.59
CA THR A 22 -8.03 -6.47 4.20
C THR A 22 -8.79 -5.52 3.25
N TRP A 23 -8.38 -4.29 3.13
CA TRP A 23 -9.08 -3.34 2.21
C TRP A 23 -8.36 -3.28 0.85
N LYS A 24 -7.28 -4.03 0.69
CA LYS A 24 -6.53 -4.02 -0.61
C LYS A 24 -6.04 -2.61 -0.93
N TRP A 25 -5.09 -2.11 -0.17
CA TRP A 25 -4.57 -0.74 -0.46
C TRP A 25 -3.14 -0.58 0.10
N CYS A 26 -2.53 0.56 -0.11
CA CYS A 26 -1.13 0.77 0.37
C CYS A 26 -1.10 1.22 1.84
N VAL A 27 -0.18 0.68 2.60
CA VAL A 27 -0.06 1.05 4.04
C VAL A 27 1.38 1.48 4.35
N LEU A 28 1.55 2.50 5.16
CA LEU A 28 2.93 2.95 5.51
C LEU A 28 3.63 1.89 6.36
N ALA A 29 4.79 1.43 5.93
CA ALA A 29 5.52 0.40 6.71
C ALA A 29 5.84 0.90 8.12
N GLY A 30 5.09 0.49 9.10
CA GLY A 30 5.34 0.95 10.50
C GLY A 30 5.45 -0.27 11.43
N PRO A 31 6.03 -0.06 12.59
CA PRO A 31 6.56 1.29 12.97
C PRO A 31 7.84 1.61 12.19
N TRP A 32 8.17 2.87 12.06
CA TRP A 32 9.40 3.27 11.31
C TRP A 32 10.66 2.76 12.05
N GLY A 1 -0.78 10.90 -0.90
CA GLY A 1 0.59 10.64 -1.43
C GLY A 1 0.57 9.37 -2.29
N CYS A 2 0.90 8.24 -1.72
CA CYS A 2 0.90 6.98 -2.51
C CYS A 2 -0.43 6.22 -2.33
N LEU A 3 -1.39 6.80 -1.62
CA LEU A 3 -2.69 6.11 -1.42
C LEU A 3 -3.41 5.96 -2.76
N GLY A 4 -3.58 4.74 -3.23
CA GLY A 4 -4.27 4.51 -4.54
C GLY A 4 -3.36 3.70 -5.47
N ASP A 5 -2.06 3.82 -5.31
CA ASP A 5 -1.12 3.05 -6.19
C ASP A 5 -1.40 1.56 -6.07
N LYS A 6 -1.33 0.84 -7.15
CA LYS A 6 -1.61 -0.63 -7.11
C LYS A 6 -0.34 -1.40 -6.73
N CYS A 7 -0.49 -2.43 -5.93
CA CYS A 7 0.68 -3.25 -5.52
C CYS A 7 0.33 -4.74 -5.64
N ASP A 8 1.28 -5.55 -6.06
CA ASP A 8 0.99 -7.01 -6.20
C ASP A 8 1.03 -7.71 -4.84
N TYR A 9 2.08 -7.51 -4.09
CA TYR A 9 2.19 -8.15 -2.75
C TYR A 9 3.17 -7.38 -1.87
N ASN A 10 4.40 -7.22 -2.32
CA ASN A 10 5.41 -6.47 -1.50
C ASN A 10 6.37 -5.72 -2.44
N ASN A 11 5.85 -5.09 -3.47
CA ASN A 11 6.73 -4.34 -4.42
C ASN A 11 7.60 -3.32 -3.66
N GLY A 12 6.98 -2.48 -2.87
CA GLY A 12 7.77 -1.47 -2.09
C GLY A 12 7.22 -0.07 -2.38
N CYS A 13 6.19 0.33 -1.69
CA CYS A 13 5.62 1.70 -1.90
C CYS A 13 6.47 2.74 -1.17
N CYS A 14 6.19 4.00 -1.37
CA CYS A 14 6.99 5.06 -0.67
C CYS A 14 6.91 4.90 0.85
N SER A 15 7.83 5.51 1.56
CA SER A 15 7.83 5.39 3.06
C SER A 15 6.48 5.82 3.63
N GLY A 16 5.90 5.01 4.49
CA GLY A 16 4.58 5.36 5.10
C GLY A 16 3.44 4.66 4.36
N TYR A 17 3.74 3.78 3.42
CA TYR A 17 2.65 3.09 2.67
C TYR A 17 2.95 1.59 2.53
N VAL A 18 1.96 0.77 2.71
CA VAL A 18 2.17 -0.72 2.58
C VAL A 18 1.18 -1.31 1.56
N CYS A 19 1.40 -2.53 1.14
CA CYS A 19 0.46 -3.16 0.15
C CYS A 19 -0.66 -3.90 0.88
N SER A 20 -1.88 -3.45 0.74
CA SER A 20 -3.02 -4.13 1.43
C SER A 20 -3.38 -5.43 0.72
N ARG A 21 -4.05 -6.33 1.41
CA ARG A 21 -4.44 -7.63 0.79
C ARG A 21 -5.83 -7.53 0.14
N THR A 22 -6.65 -6.60 0.56
CA THR A 22 -8.02 -6.47 -0.02
C THR A 22 -7.96 -5.97 -1.48
N TRP A 23 -7.83 -4.68 -1.69
CA TRP A 23 -7.78 -4.16 -3.10
C TRP A 23 -6.32 -4.21 -3.63
N LYS A 24 -5.39 -4.68 -2.84
CA LYS A 24 -3.96 -4.77 -3.30
C LYS A 24 -3.46 -3.39 -3.75
N TRP A 25 -3.37 -2.45 -2.85
CA TRP A 25 -2.87 -1.09 -3.22
C TRP A 25 -2.10 -0.47 -2.05
N CYS A 26 -1.54 0.70 -2.25
CA CYS A 26 -0.74 1.35 -1.17
C CYS A 26 -1.66 2.00 -0.12
N VAL A 27 -1.52 1.61 1.12
CA VAL A 27 -2.36 2.20 2.20
C VAL A 27 -1.48 2.97 3.19
N LEU A 28 -2.03 3.98 3.83
CA LEU A 28 -1.22 4.77 4.81
C LEU A 28 -0.90 3.91 6.03
N ALA A 29 0.36 3.67 6.29
CA ALA A 29 0.76 2.84 7.46
C ALA A 29 0.41 3.56 8.77
N GLY A 30 -0.22 2.88 9.69
CA GLY A 30 -0.59 3.50 10.98
C GLY A 30 -1.99 3.04 11.41
N PRO A 31 -2.70 3.88 12.14
CA PRO A 31 -2.16 5.21 12.54
C PRO A 31 -1.11 5.06 13.65
N TRP A 32 -0.16 5.96 13.69
CA TRP A 32 0.89 5.88 14.75
C TRP A 32 0.78 7.06 15.72
#